data_2GAX
#
_entry.id   2GAX
#
_cell.length_a   68.965
_cell.length_b   68.998
_cell.length_c   120.811
_cell.angle_alpha   90.00
_cell.angle_beta   90.00
_cell.angle_gamma   90.00
#
_symmetry.space_group_name_H-M   'C 2 2 21'
#
loop_
_entity.id
_entity.type
_entity.pdbx_description
1 polymer 'hypothetical protein Atu0240'
2 non-polymer 'PHOSPHATE ION'
3 water water
#
_entity_poly.entity_id   1
_entity_poly.type   'polypeptide(L)'
_entity_poly.pdbx_seq_one_letter_code
;(MSE)FDTKIAVILRDDLAVWQKLNVTAFL(MSE)SGIVAQTGEIIGEPYRDGAGNVYNPLSIQPIVV(MSE)ATDQEAL
RKIHQRSLERDITTSLYIEE(MSE)FATGHDAANRQVFSHFSPDTAKVVG(MSE)ALRADRKIVDKITKGAKLHA
;
_entity_poly.pdbx_strand_id   A,B
#
loop_
_chem_comp.id
_chem_comp.type
_chem_comp.name
_chem_comp.formula
PO4 non-polymer 'PHOSPHATE ION' 'O4 P -3'
#
# COMPACT_ATOMS: atom_id res chain seq x y z
N MSE A 1 8.45 -4.99 3.92
CA MSE A 1 8.69 -3.99 2.85
C MSE A 1 9.75 -4.45 1.83
O MSE A 1 10.67 -5.20 2.17
CB MSE A 1 9.08 -2.65 3.46
CG MSE A 1 8.75 -1.48 2.57
SE MSE A 1 9.72 0.06 3.18
CE MSE A 1 9.50 1.21 1.59
N PHE A 2 9.61 -3.98 0.60
CA PHE A 2 10.33 -4.57 -0.52
C PHE A 2 11.04 -3.51 -1.35
N ASP A 3 12.16 -3.90 -1.96
CA ASP A 3 12.86 -3.06 -2.92
C ASP A 3 12.01 -2.86 -4.18
N THR A 4 11.21 -3.87 -4.50
CA THR A 4 10.39 -3.87 -5.71
C THR A 4 8.93 -3.55 -5.45
N LYS A 5 8.18 -3.35 -6.54
CA LYS A 5 6.74 -3.16 -6.53
C LYS A 5 6.13 -4.03 -7.63
N ILE A 6 4.95 -4.61 -7.35
CA ILE A 6 4.19 -5.37 -8.36
C ILE A 6 3.00 -4.54 -8.83
N ALA A 7 2.92 -4.30 -10.14
CA ALA A 7 1.85 -3.54 -10.71
C ALA A 7 1.23 -4.29 -11.87
N VAL A 8 -0.09 -4.20 -11.94
CA VAL A 8 -0.87 -4.73 -13.05
C VAL A 8 -1.57 -3.55 -13.72
N ILE A 9 -1.43 -3.41 -15.04
CA ILE A 9 -2.10 -2.34 -15.80
C ILE A 9 -3.02 -2.92 -16.88
N LEU A 10 -4.31 -2.60 -16.78
CA LEU A 10 -5.33 -3.12 -17.68
C LEU A 10 -5.84 -2.05 -18.63
N ARG A 11 -6.31 -2.47 -19.79
CA ARG A 11 -6.94 -1.52 -20.71
C ARG A 11 -8.33 -1.22 -20.15
N ASP A 12 -8.68 0.06 -19.97
CA ASP A 12 -9.86 0.39 -19.16
C ASP A 12 -11.19 -0.06 -19.78
N ASP A 13 -11.22 -0.21 -21.10
CA ASP A 13 -12.48 -0.54 -21.79
C ASP A 13 -12.89 -2.03 -21.77
N LEU A 14 -12.08 -2.87 -21.15
CA LEU A 14 -12.40 -4.31 -21.03
C LEU A 14 -13.62 -4.53 -20.15
N ALA A 15 -14.42 -5.55 -20.49
CA ALA A 15 -15.46 -6.01 -19.58
C ALA A 15 -14.81 -6.44 -18.26
N VAL A 16 -15.58 -6.47 -17.19
CA VAL A 16 -15.05 -6.86 -15.88
C VAL A 16 -14.53 -8.31 -15.90
N TRP A 17 -15.27 -9.22 -16.51
CA TRP A 17 -14.76 -10.60 -16.63
C TRP A 17 -13.41 -10.68 -17.38
N GLN A 18 -13.23 -9.83 -18.39
CA GLN A 18 -11.99 -9.78 -19.17
C GLN A 18 -10.84 -9.26 -18.31
N LYS A 19 -11.10 -8.23 -17.50
CA LYS A 19 -10.10 -7.68 -16.60
C LYS A 19 -9.61 -8.74 -15.60
N LEU A 20 -10.56 -9.53 -15.10
CA LEU A 20 -10.27 -10.59 -14.13
C LEU A 20 -9.47 -11.72 -14.79
N ASN A 21 -9.95 -12.19 -15.95
CA ASN A 21 -9.20 -13.16 -16.78
C ASN A 21 -7.75 -12.70 -17.04
N VAL A 22 -7.58 -11.50 -17.58
CA VAL A 22 -6.24 -10.95 -17.91
C VAL A 22 -5.35 -10.85 -16.65
N THR A 23 -5.94 -10.42 -15.54
CA THR A 23 -5.18 -10.24 -14.28
C THR A 23 -4.67 -11.60 -13.80
N ALA A 24 -5.52 -12.61 -13.90
CA ALA A 24 -5.17 -13.96 -13.47
C ALA A 24 -3.98 -14.46 -14.27
N PHE A 25 -4.05 -14.34 -15.60
CA PHE A 25 -2.95 -14.78 -16.46
C PHE A 25 -1.68 -13.98 -16.26
N LEU A 26 -1.81 -12.66 -16.20
CA LEU A 26 -0.61 -11.84 -15.95
C LEU A 26 0.14 -12.22 -14.66
N MSE A 27 -0.62 -12.46 -13.60
CA MSE A 27 -0.06 -12.78 -12.29
C MSE A 27 0.62 -14.15 -12.30
O MSE A 27 1.62 -14.35 -11.60
CB MSE A 27 -1.15 -12.74 -11.21
CG MSE A 27 -1.38 -11.33 -10.66
SE MSE A 27 0.30 -10.64 -9.79
CE MSE A 27 0.63 -11.99 -8.64
N SER A 28 0.09 -15.07 -13.11
CA SER A 28 0.72 -16.40 -13.22
C SER A 28 2.16 -16.24 -13.73
N GLY A 29 2.34 -15.30 -14.67
CA GLY A 29 3.68 -14.97 -15.19
C GLY A 29 4.58 -14.32 -14.14
N ILE A 30 4.00 -13.45 -13.33
CA ILE A 30 4.74 -12.79 -12.25
C ILE A 30 5.28 -13.81 -11.24
N VAL A 31 4.44 -14.79 -10.87
CA VAL A 31 4.89 -15.84 -9.94
C VAL A 31 5.95 -16.74 -10.57
N ALA A 32 5.73 -17.12 -11.84
CA ALA A 32 6.70 -17.96 -12.57
C ALA A 32 8.08 -17.29 -12.58
N GLN A 33 8.09 -15.98 -12.80
CA GLN A 33 9.31 -15.16 -12.86
C GLN A 33 10.01 -15.02 -11.50
N THR A 34 9.23 -14.91 -10.43
CA THR A 34 9.79 -14.68 -9.07
C THR A 34 9.04 -15.54 -8.05
N GLY A 35 9.41 -16.81 -7.98
CA GLY A 35 8.78 -17.76 -7.06
C GLY A 35 8.97 -17.36 -5.61
N GLU A 36 10.00 -16.55 -5.34
CA GLU A 36 10.32 -16.04 -4.01
C GLU A 36 9.21 -15.18 -3.36
N ILE A 37 8.25 -14.69 -4.15
CA ILE A 37 7.15 -13.89 -3.56
C ILE A 37 6.13 -14.76 -2.80
N ILE A 38 6.14 -16.07 -3.02
CA ILE A 38 5.20 -16.94 -2.37
C ILE A 38 5.62 -17.19 -0.91
N GLY A 39 4.69 -16.97 0.02
CA GLY A 39 5.01 -17.22 1.43
C GLY A 39 4.66 -18.57 2.01
N GLU A 40 4.36 -18.58 3.30
CA GLU A 40 3.96 -19.76 4.06
C GLU A 40 2.48 -20.10 3.82
N PRO A 41 2.08 -21.38 3.99
CA PRO A 41 0.66 -21.65 3.76
C PRO A 41 -0.28 -20.97 4.76
N TYR A 42 -1.48 -20.65 4.31
CA TYR A 42 -2.53 -20.12 5.15
C TYR A 42 -3.20 -21.25 5.91
N ARG A 43 -3.49 -21.02 7.18
CA ARG A 43 -4.03 -22.01 8.10
C ARG A 43 -5.19 -21.40 8.86
N ASP A 44 -6.37 -22.00 8.77
CA ASP A 44 -7.50 -21.40 9.47
C ASP A 44 -7.66 -21.85 10.92
N GLY A 45 -8.74 -21.41 11.56
CA GLY A 45 -8.99 -21.62 12.99
C GLY A 45 -9.41 -23.05 13.30
N ALA A 46 -9.54 -23.87 12.28
CA ALA A 46 -9.94 -25.26 12.48
C ALA A 46 -8.84 -26.23 12.08
N GLY A 47 -7.67 -25.69 11.69
CA GLY A 47 -6.56 -26.52 11.28
C GLY A 47 -6.52 -26.81 9.79
N ASN A 48 -7.45 -26.22 9.04
CA ASN A 48 -7.46 -26.37 7.59
C ASN A 48 -6.29 -25.59 6.98
N VAL A 49 -5.68 -26.13 5.94
CA VAL A 49 -4.52 -25.51 5.30
C VAL A 49 -4.88 -25.09 3.88
N TYR A 50 -4.34 -23.95 3.44
CA TYR A 50 -4.63 -23.38 2.12
C TYR A 50 -3.36 -22.98 1.40
N ASN A 51 -3.47 -22.68 0.10
CA ASN A 51 -2.30 -22.31 -0.70
C ASN A 51 -1.58 -21.14 -0.08
N PRO A 52 -0.24 -21.13 -0.17
CA PRO A 52 0.46 -19.90 0.21
C PRO A 52 0.25 -18.87 -0.89
N LEU A 53 0.31 -17.58 -0.55
CA LEU A 53 0.03 -16.51 -1.52
C LEU A 53 1.23 -15.56 -1.63
N SER A 54 1.15 -14.58 -2.54
CA SER A 54 2.18 -13.54 -2.62
C SER A 54 2.28 -12.83 -1.28
N ILE A 55 3.51 -12.64 -0.83
CA ILE A 55 3.75 -11.88 0.38
C ILE A 55 3.81 -10.39 0.07
N GLN A 56 3.91 -10.06 -1.22
CA GLN A 56 4.10 -8.69 -1.68
C GLN A 56 2.79 -8.10 -2.21
N PRO A 57 2.47 -6.83 -1.84
CA PRO A 57 1.29 -6.16 -2.35
C PRO A 57 1.29 -6.03 -3.87
N ILE A 58 0.09 -5.92 -4.42
CA ILE A 58 -0.11 -5.86 -5.86
C ILE A 58 -1.03 -4.68 -6.18
N VAL A 59 -0.49 -3.69 -6.87
CA VAL A 59 -1.27 -2.50 -7.27
C VAL A 59 -1.92 -2.70 -8.64
N VAL A 60 -3.23 -2.50 -8.74
CA VAL A 60 -3.92 -2.64 -10.03
C VAL A 60 -4.30 -1.28 -10.61
N MSE A 61 -3.98 -1.07 -11.89
CA MSE A 61 -4.23 0.21 -12.56
C MSE A 61 -4.94 -0.01 -13.89
O MSE A 61 -5.04 -1.13 -14.38
CB MSE A 61 -2.91 0.95 -12.78
CG MSE A 61 -2.16 1.26 -11.50
SE MSE A 61 -0.29 1.70 -11.90
CE MSE A 61 0.30 0.00 -12.38
N ALA A 62 -5.45 1.08 -14.48
CA ALA A 62 -6.09 1.02 -15.78
C ALA A 62 -5.75 2.27 -16.58
N THR A 63 -5.72 2.13 -17.90
CA THR A 63 -5.51 3.28 -18.79
C THR A 63 -5.99 2.96 -20.20
N ASP A 64 -5.84 3.94 -21.10
CA ASP A 64 -6.25 3.78 -22.49
C ASP A 64 -5.22 3.05 -23.36
N GLN A 65 -5.65 2.63 -24.54
CA GLN A 65 -4.81 1.87 -25.47
C GLN A 65 -3.43 2.48 -25.71
N GLU A 66 -3.40 3.74 -26.14
CA GLU A 66 -2.12 4.36 -26.47
C GLU A 66 -1.26 4.63 -25.26
N ALA A 67 -1.91 4.88 -24.12
CA ALA A 67 -1.16 5.02 -22.88
C ALA A 67 -0.56 3.67 -22.41
N LEU A 68 -1.27 2.58 -22.67
CA LEU A 68 -0.75 1.25 -22.33
C LEU A 68 0.41 0.86 -23.26
N ARG A 69 0.37 1.32 -24.51
CA ARG A 69 1.47 1.14 -25.43
C ARG A 69 2.77 1.76 -24.93
N LYS A 70 2.72 3.03 -24.48
CA LYS A 70 3.95 3.68 -24.00
C LYS A 70 4.51 3.03 -22.74
N ILE A 71 3.62 2.60 -21.84
CA ILE A 71 4.00 1.84 -20.64
C ILE A 71 4.74 0.55 -21.06
N HIS A 72 4.15 -0.17 -21.99
CA HIS A 72 4.81 -1.33 -22.61
C HIS A 72 6.21 -0.94 -23.14
N GLN A 73 6.26 0.08 -23.99
CA GLN A 73 7.53 0.62 -24.53
C GLN A 73 8.53 1.05 -23.45
N ARG A 74 8.06 1.72 -22.41
CA ARG A 74 8.92 2.11 -21.30
C ARG A 74 9.52 0.90 -20.59
N SER A 75 8.75 -0.17 -20.41
CA SER A 75 9.26 -1.35 -19.69
C SER A 75 10.40 -2.03 -20.44
N LEU A 76 10.28 -2.09 -21.76
CA LEU A 76 11.30 -2.71 -22.61
C LEU A 76 12.57 -1.85 -22.58
N GLU A 77 12.36 -0.54 -22.65
CA GLU A 77 13.45 0.44 -22.59
C GLU A 77 14.24 0.31 -21.29
N ARG A 78 13.54 0.00 -20.20
CA ARG A 78 14.13 -0.20 -18.88
C ARG A 78 14.59 -1.63 -18.61
N ASP A 79 14.71 -2.44 -19.65
CA ASP A 79 15.17 -3.84 -19.53
C ASP A 79 14.38 -4.69 -18.54
N ILE A 80 13.07 -4.43 -18.46
CA ILE A 80 12.16 -5.22 -17.63
C ILE A 80 11.49 -6.30 -18.49
N THR A 81 11.45 -7.51 -17.94
CA THR A 81 10.71 -8.62 -18.53
C THR A 81 9.34 -8.63 -17.86
N THR A 82 8.29 -8.51 -18.68
CA THR A 82 6.93 -8.31 -18.15
C THR A 82 6.02 -9.47 -18.52
N SER A 83 4.91 -9.61 -17.82
CA SER A 83 3.79 -10.40 -18.37
C SER A 83 2.97 -9.50 -19.29
N LEU A 84 2.50 -10.05 -20.40
CA LEU A 84 1.78 -9.27 -21.41
C LEU A 84 0.65 -10.08 -22.03
N TYR A 85 -0.45 -9.40 -22.30
CA TYR A 85 -1.67 -10.01 -22.82
C TYR A 85 -2.21 -9.06 -23.88
N ILE A 86 -2.39 -9.56 -25.10
CA ILE A 86 -2.92 -8.76 -26.21
C ILE A 86 -4.36 -9.17 -26.53
N GLU A 87 -5.09 -8.28 -27.20
CA GLU A 87 -6.51 -8.49 -27.50
C GLU A 87 -6.79 -9.79 -28.23
N GLU A 88 -5.93 -10.13 -29.18
CA GLU A 88 -6.13 -11.30 -30.03
C GLU A 88 -6.11 -12.59 -29.23
N MSE A 89 -5.49 -12.57 -28.05
CA MSE A 89 -5.42 -13.77 -27.21
C MSE A 89 -6.76 -14.19 -26.60
O MSE A 89 -6.88 -15.27 -26.02
CB MSE A 89 -4.34 -13.61 -26.13
CG MSE A 89 -2.95 -13.66 -26.71
SE MSE A 89 -1.57 -13.01 -25.47
CE MSE A 89 -2.00 -14.10 -23.90
N PHE A 90 -7.75 -13.32 -26.71
CA PHE A 90 -9.14 -13.64 -26.34
C PHE A 90 -9.81 -14.60 -27.32
N ALA A 91 -9.20 -14.79 -28.49
CA ALA A 91 -9.76 -15.62 -29.58
C ALA A 91 -9.54 -17.12 -29.42
N THR A 92 -8.56 -17.52 -28.62
CA THR A 92 -8.38 -18.95 -28.31
C THR A 92 -8.04 -19.16 -26.84
N GLY A 93 -8.23 -20.39 -26.36
CA GLY A 93 -7.83 -20.75 -25.03
C GLY A 93 -6.64 -21.69 -25.02
N HIS A 94 -5.85 -21.67 -26.11
CA HIS A 94 -4.71 -22.60 -26.26
C HIS A 94 -3.39 -21.84 -26.18
N ASP A 95 -2.53 -22.27 -25.27
CA ASP A 95 -1.22 -21.62 -25.09
C ASP A 95 -0.42 -21.53 -26.41
N ALA A 96 -0.31 -22.65 -27.14
CA ALA A 96 0.40 -22.64 -28.42
C ALA A 96 -0.14 -21.62 -29.42
N ALA A 97 -1.47 -21.56 -29.52
CA ALA A 97 -2.14 -20.62 -30.44
C ALA A 97 -1.94 -19.18 -30.03
N ASN A 98 -2.06 -18.92 -28.72
CA ASN A 98 -1.89 -17.55 -28.21
C ASN A 98 -0.45 -17.05 -28.28
N ARG A 99 0.50 -17.93 -27.99
CA ARG A 99 1.91 -17.60 -28.20
C ARG A 99 2.19 -17.33 -29.68
N GLN A 100 1.54 -18.10 -30.55
CA GLN A 100 1.64 -17.90 -32.01
C GLN A 100 1.15 -16.52 -32.45
N VAL A 101 -0.09 -16.17 -32.09
CA VAL A 101 -0.65 -14.87 -32.44
C VAL A 101 0.11 -13.71 -31.80
N PHE A 102 0.53 -13.91 -30.55
CA PHE A 102 1.38 -12.94 -29.87
C PHE A 102 2.61 -12.57 -30.71
N SER A 103 3.18 -13.56 -31.38
CA SER A 103 4.40 -13.35 -32.20
C SER A 103 4.13 -12.57 -33.49
N HIS A 104 2.85 -12.34 -33.80
CA HIS A 104 2.45 -11.61 -35.01
C HIS A 104 2.46 -10.10 -34.85
N PHE A 105 2.72 -9.64 -33.62
CA PHE A 105 2.74 -8.21 -33.30
C PHE A 105 4.02 -7.78 -32.60
N SER A 106 4.28 -6.47 -32.70
CA SER A 106 5.43 -5.83 -32.10
C SER A 106 4.87 -4.69 -31.22
N PRO A 107 5.68 -4.09 -30.32
CA PRO A 107 5.15 -3.04 -29.45
C PRO A 107 4.49 -1.85 -30.17
N ASP A 108 4.95 -1.52 -31.37
CA ASP A 108 4.30 -0.43 -32.12
C ASP A 108 2.95 -0.82 -32.76
N THR A 109 2.66 -2.12 -32.87
CA THR A 109 1.42 -2.56 -33.53
C THR A 109 0.47 -3.38 -32.65
N ALA A 110 0.93 -3.83 -31.49
CA ALA A 110 0.11 -4.68 -30.63
C ALA A 110 -1.09 -3.93 -30.02
N LYS A 111 -2.16 -4.67 -29.74
CA LYS A 111 -3.27 -4.10 -28.96
C LYS A 111 -3.19 -4.73 -27.57
N VAL A 112 -2.30 -4.20 -26.74
CA VAL A 112 -2.14 -4.70 -25.39
C VAL A 112 -3.40 -4.42 -24.58
N VAL A 113 -3.90 -5.46 -23.92
CA VAL A 113 -5.03 -5.32 -23.01
C VAL A 113 -4.62 -5.39 -21.54
N GLY A 114 -3.40 -5.86 -21.28
CA GLY A 114 -2.89 -5.89 -19.91
C GLY A 114 -1.41 -6.16 -19.86
N MSE A 115 -0.77 -5.65 -18.81
CA MSE A 115 0.63 -5.91 -18.53
C MSE A 115 0.83 -5.93 -17.03
O MSE A 115 0.15 -5.22 -16.29
CB MSE A 115 1.52 -4.83 -19.14
CG MSE A 115 3.02 -5.10 -19.02
SE MSE A 115 4.10 -3.61 -19.76
CE MSE A 115 4.54 -2.67 -18.10
N ALA A 116 1.75 -6.77 -16.56
CA ALA A 116 2.16 -6.74 -15.17
C ALA A 116 3.65 -6.76 -15.13
N LEU A 117 4.18 -6.15 -14.09
CA LEU A 117 5.62 -6.14 -13.87
C LEU A 117 5.94 -6.13 -12.39
N ARG A 118 7.13 -6.61 -12.06
CA ARG A 118 7.73 -6.50 -10.76
C ARG A 118 9.14 -5.98 -10.97
N ALA A 119 9.43 -4.80 -10.43
CA ALA A 119 10.74 -4.19 -10.60
C ALA A 119 11.02 -3.19 -9.48
N ASP A 120 12.28 -2.76 -9.35
CA ASP A 120 12.64 -1.78 -8.34
C ASP A 120 11.61 -0.67 -8.32
N ARG A 121 11.15 -0.35 -7.12
CA ARG A 121 9.97 0.51 -6.94
C ARG A 121 9.98 1.81 -7.74
N LYS A 122 11.12 2.51 -7.75
CA LYS A 122 11.23 3.81 -8.43
C LYS A 122 11.08 3.67 -9.96
N ILE A 123 11.66 2.59 -10.49
CA ILE A 123 11.56 2.23 -11.90
C ILE A 123 10.10 1.97 -12.31
N VAL A 124 9.38 1.18 -11.50
CA VAL A 124 7.96 0.88 -11.78
C VAL A 124 7.11 2.14 -11.91
N ASP A 125 7.30 3.10 -11.01
CA ASP A 125 6.57 4.37 -11.04
C ASP A 125 6.84 5.20 -12.31
N LYS A 126 8.08 5.16 -12.80
CA LYS A 126 8.45 5.77 -14.08
C LYS A 126 7.79 5.06 -15.27
N ILE A 127 7.76 3.73 -15.22
CA ILE A 127 7.21 2.95 -16.31
C ILE A 127 5.70 3.19 -16.42
N THR A 128 5.01 3.20 -15.29
CA THR A 128 3.56 3.24 -15.23
C THR A 128 2.98 4.67 -15.28
N LYS A 129 3.83 5.68 -15.45
CA LYS A 129 3.38 7.07 -15.53
C LYS A 129 2.22 7.25 -16.50
N GLY A 130 1.18 7.92 -16.04
CA GLY A 130 0.00 8.17 -16.86
C GLY A 130 -1.20 7.37 -16.38
N ALA A 131 -0.95 6.10 -16.03
CA ALA A 131 -2.00 5.18 -15.60
C ALA A 131 -2.72 5.63 -14.32
N LYS A 132 -3.99 5.26 -14.20
CA LYS A 132 -4.80 5.56 -13.04
C LYS A 132 -4.98 4.29 -12.19
N LEU A 133 -4.85 4.40 -10.87
CA LEU A 133 -5.26 3.30 -9.99
C LEU A 133 -6.71 2.90 -10.26
N HIS A 134 -6.99 1.60 -10.19
CA HIS A 134 -8.30 1.11 -10.56
C HIS A 134 -9.32 1.37 -9.47
N ALA A 135 -10.51 1.75 -9.91
CA ALA A 135 -11.71 1.74 -9.09
C ALA A 135 -12.23 0.30 -8.99
N MSE B 1 3.22 -4.83 31.67
CA MSE B 1 1.81 -4.46 32.01
C MSE B 1 0.92 -4.42 30.77
O MSE B 1 -0.17 -5.01 30.76
CB MSE B 1 1.77 -3.10 32.68
CG MSE B 1 0.53 -2.94 33.51
SE MSE B 1 -0.24 -1.18 33.42
CE MSE B 1 1.42 -0.11 33.18
N PHE B 2 1.36 -3.71 29.75
CA PHE B 2 0.89 -3.94 28.42
C PHE B 2 2.08 -4.50 27.67
N ASP B 3 1.85 -5.56 26.89
CA ASP B 3 2.86 -6.11 26.00
C ASP B 3 3.27 -5.09 24.94
N THR B 4 2.33 -4.22 24.60
CA THR B 4 2.53 -3.22 23.55
C THR B 4 2.73 -1.83 24.12
N LYS B 5 3.16 -0.89 23.27
CA LYS B 5 3.01 0.53 23.58
C LYS B 5 2.52 1.33 22.37
N ILE B 6 1.83 2.43 22.66
CA ILE B 6 1.26 3.31 21.64
C ILE B 6 2.17 4.55 21.51
N ALA B 7 2.62 4.83 20.29
CA ALA B 7 3.43 5.99 20.01
C ALA B 7 2.87 6.81 18.85
N VAL B 8 2.96 8.13 18.98
CA VAL B 8 2.57 9.04 17.92
C VAL B 8 3.82 9.84 17.55
N ILE B 9 4.19 9.86 16.27
CA ILE B 9 5.34 10.63 15.82
C ILE B 9 4.90 11.70 14.81
N LEU B 10 5.14 12.97 15.16
CA LEU B 10 4.76 14.10 14.31
C LEU B 10 5.97 14.75 13.65
N ARG B 11 5.74 15.44 12.54
CA ARG B 11 6.79 16.20 11.88
C ARG B 11 6.96 17.49 12.70
N ASP B 12 8.18 17.78 13.15
CA ASP B 12 8.35 18.85 14.18
C ASP B 12 8.01 20.25 13.68
N ASP B 13 8.06 20.47 12.37
CA ASP B 13 7.82 21.83 11.83
C ASP B 13 6.33 22.19 11.63
N LEU B 14 5.44 21.31 12.05
CA LEU B 14 4.00 21.59 11.93
C LEU B 14 3.55 22.67 12.91
N ALA B 15 2.64 23.54 12.50
CA ALA B 15 1.97 24.44 13.46
C ALA B 15 1.30 23.61 14.56
N VAL B 16 1.06 24.23 15.72
CA VAL B 16 0.50 23.50 16.86
C VAL B 16 -0.89 22.95 16.53
N TRP B 17 -1.70 23.75 15.85
CA TRP B 17 -3.04 23.29 15.46
C TRP B 17 -2.95 22.08 14.54
N GLN B 18 -1.94 22.06 13.68
CA GLN B 18 -1.72 20.95 12.77
C GLN B 18 -1.31 19.69 13.52
N LYS B 19 -0.42 19.83 14.50
CA LYS B 19 -0.02 18.70 15.35
C LYS B 19 -1.22 18.07 16.08
N LEU B 20 -2.12 18.92 16.59
CA LEU B 20 -3.34 18.49 17.31
C LEU B 20 -4.31 17.80 16.35
N ASN B 21 -4.58 18.44 15.21
CA ASN B 21 -5.37 17.83 14.14
C ASN B 21 -4.84 16.45 13.73
N VAL B 22 -3.55 16.36 13.42
CA VAL B 22 -2.94 15.09 12.98
C VAL B 22 -3.04 14.01 14.08
N THR B 23 -2.80 14.40 15.33
CA THR B 23 -2.80 13.46 16.46
C THR B 23 -4.21 12.88 16.65
N ALA B 24 -5.22 13.74 16.51
CA ALA B 24 -6.62 13.33 16.65
C ALA B 24 -6.99 12.26 15.61
N PHE B 25 -6.67 12.54 14.35
CA PHE B 25 -6.90 11.58 13.27
C PHE B 25 -6.12 10.30 13.41
N LEU B 26 -4.83 10.41 13.73
CA LEU B 26 -4.02 9.20 13.91
C LEU B 26 -4.57 8.28 15.00
N MSE B 27 -4.96 8.87 16.12
CA MSE B 27 -5.48 8.12 17.25
C MSE B 27 -6.83 7.46 16.91
O MSE B 27 -7.14 6.40 17.44
CB MSE B 27 -5.65 9.05 18.46
CG MSE B 27 -4.39 9.16 19.29
SE MSE B 27 -3.82 7.39 19.95
CE MSE B 27 -5.34 6.86 20.90
N SER B 28 -7.61 8.10 16.04
CA SER B 28 -8.90 7.50 15.61
C SER B 28 -8.64 6.14 14.96
N GLY B 29 -7.58 6.09 14.16
CA GLY B 29 -7.10 4.85 13.52
C GLY B 29 -6.62 3.82 14.51
N ILE B 30 -5.87 4.27 15.52
CA ILE B 30 -5.40 3.36 16.58
C ILE B 30 -6.55 2.68 17.31
N VAL B 31 -7.62 3.43 17.59
CA VAL B 31 -8.79 2.89 18.29
C VAL B 31 -9.56 1.93 17.39
N ALA B 32 -9.74 2.33 16.12
CA ALA B 32 -10.40 1.49 15.12
C ALA B 32 -9.68 0.14 15.02
N GLN B 33 -8.35 0.17 15.04
CA GLN B 33 -7.51 -1.03 14.95
C GLN B 33 -7.58 -1.93 16.19
N THR B 34 -7.66 -1.32 17.38
CA THR B 34 -7.63 -2.09 18.64
C THR B 34 -8.68 -1.52 19.60
N GLY B 35 -9.93 -1.90 19.38
CA GLY B 35 -11.03 -1.45 20.22
C GLY B 35 -10.86 -1.81 21.69
N GLU B 36 -10.06 -2.85 21.95
CA GLU B 36 -9.83 -3.35 23.31
C GLU B 36 -9.10 -2.36 24.24
N ILE B 37 -8.51 -1.31 23.67
CA ILE B 37 -7.82 -0.31 24.52
C ILE B 37 -8.81 0.59 25.30
N ILE B 38 -10.07 0.62 24.86
CA ILE B 38 -11.07 1.46 25.49
C ILE B 38 -11.55 0.83 26.80
N GLY B 39 -11.54 1.62 27.88
CA GLY B 39 -11.98 1.11 29.17
C GLY B 39 -13.42 1.38 29.55
N GLU B 40 -13.65 1.49 30.85
CA GLU B 40 -14.96 1.75 31.43
C GLU B 40 -15.27 3.24 31.39
N PRO B 41 -16.57 3.64 31.43
CA PRO B 41 -16.86 5.07 31.37
C PRO B 41 -16.33 5.82 32.59
N TYR B 42 -15.96 7.07 32.36
CA TYR B 42 -15.57 7.98 33.42
C TYR B 42 -16.84 8.54 34.07
N ARG B 43 -16.83 8.64 35.40
CA ARG B 43 -17.98 9.09 36.18
C ARG B 43 -17.50 10.14 37.20
N ASP B 44 -18.07 11.33 37.18
CA ASP B 44 -17.63 12.35 38.12
C ASP B 44 -18.34 12.23 39.47
N GLY B 45 -18.09 13.17 40.36
CA GLY B 45 -18.58 13.12 41.74
C GLY B 45 -20.04 13.57 41.87
N ALA B 46 -20.65 13.95 40.76
CA ALA B 46 -22.07 14.29 40.78
C ALA B 46 -22.90 13.22 40.07
N GLY B 47 -22.23 12.16 39.63
CA GLY B 47 -22.90 11.07 38.93
C GLY B 47 -23.05 11.30 37.43
N ASN B 48 -22.37 12.33 36.92
CA ASN B 48 -22.29 12.54 35.48
C ASN B 48 -21.39 11.48 34.87
N VAL B 49 -21.74 11.04 33.64
CA VAL B 49 -21.02 9.96 32.94
C VAL B 49 -20.36 10.52 31.69
N TYR B 50 -19.17 10.03 31.38
CA TYR B 50 -18.40 10.55 30.24
C TYR B 50 -17.89 9.38 29.41
N ASN B 51 -17.39 9.67 28.21
CA ASN B 51 -16.84 8.63 27.34
C ASN B 51 -15.78 7.82 28.02
N PRO B 52 -15.70 6.50 27.71
CA PRO B 52 -14.52 5.78 28.17
C PRO B 52 -13.33 6.20 27.30
N LEU B 53 -12.12 6.05 27.84
CA LEU B 53 -10.90 6.46 27.13
C LEU B 53 -9.91 5.30 27.03
N SER B 54 -8.84 5.46 26.25
CA SER B 54 -7.75 4.48 26.22
C SER B 54 -7.30 4.18 27.63
N ILE B 55 -7.13 2.89 27.92
CA ILE B 55 -6.59 2.48 29.21
C ILE B 55 -5.08 2.48 29.15
N GLN B 56 -4.54 2.59 27.95
CA GLN B 56 -3.11 2.44 27.69
C GLN B 56 -2.45 3.80 27.46
N PRO B 57 -1.28 4.05 28.09
CA PRO B 57 -0.59 5.33 27.89
C PRO B 57 -0.17 5.55 26.43
N ILE B 58 -0.02 6.82 26.06
CA ILE B 58 0.32 7.21 24.71
C ILE B 58 1.57 8.10 24.76
N VAL B 59 2.60 7.73 24.01
CA VAL B 59 3.81 8.53 23.97
C VAL B 59 3.82 9.37 22.70
N VAL B 60 4.01 10.68 22.83
CA VAL B 60 4.07 11.58 21.67
C VAL B 60 5.50 12.10 21.39
N MSE B 61 5.94 11.91 20.16
CA MSE B 61 7.29 12.27 19.74
C MSE B 61 7.26 13.16 18.50
O MSE B 61 6.22 13.33 17.87
CB MSE B 61 8.10 11.00 19.47
CG MSE B 61 8.04 9.99 20.60
SE MSE B 61 8.72 8.23 20.07
CE MSE B 61 7.28 7.71 19.04
N ALA B 62 8.42 13.75 18.18
CA ALA B 62 8.55 14.63 17.02
C ALA B 62 9.91 14.40 16.38
N THR B 63 9.98 14.55 15.06
CA THR B 63 11.25 14.47 14.35
C THR B 63 11.17 15.15 12.97
N ASP B 64 12.29 15.15 12.25
CA ASP B 64 12.33 15.75 10.91
C ASP B 64 11.78 14.84 9.81
N GLN B 65 11.52 15.42 8.64
CA GLN B 65 10.95 14.71 7.50
C GLN B 65 11.62 13.35 7.16
N GLU B 66 12.94 13.38 6.91
CA GLU B 66 13.64 12.16 6.52
C GLU B 66 13.71 11.12 7.63
N ALA B 67 13.74 11.58 8.88
CA ALA B 67 13.67 10.67 10.00
C ALA B 67 12.28 10.02 10.12
N LEU B 68 11.24 10.80 9.84
CA LEU B 68 9.88 10.28 9.86
C LEU B 68 9.68 9.25 8.74
N ARG B 69 10.28 9.52 7.59
CA ARG B 69 10.31 8.56 6.48
C ARG B 69 10.97 7.23 6.88
N LYS B 70 12.11 7.27 7.58
CA LYS B 70 12.77 6.06 8.08
C LYS B 70 11.88 5.24 9.03
N ILE B 71 11.29 5.92 10.00
CA ILE B 71 10.36 5.31 10.97
C ILE B 71 9.19 4.64 10.22
N HIS B 72 8.62 5.37 9.26
CA HIS B 72 7.62 4.82 8.33
C HIS B 72 8.11 3.50 7.70
N GLN B 73 9.23 3.56 7.00
CA GLN B 73 9.83 2.36 6.37
C GLN B 73 10.12 1.22 7.36
N ARG B 74 10.65 1.52 8.53
CA ARG B 74 10.88 0.49 9.55
C ARG B 74 9.59 -0.19 9.99
N SER B 75 8.51 0.58 10.12
CA SER B 75 7.20 0.01 10.54
C SER B 75 6.68 -1.02 9.53
N LEU B 76 6.82 -0.72 8.24
CA LEU B 76 6.40 -1.62 7.17
C LEU B 76 7.27 -2.88 7.13
N GLU B 77 8.56 -2.70 7.33
CA GLU B 77 9.55 -3.80 7.39
C GLU B 77 9.24 -4.78 8.52
N ARG B 78 8.73 -4.24 9.62
CA ARG B 78 8.35 -5.03 10.80
C ARG B 78 6.90 -5.49 10.79
N ASP B 79 6.26 -5.43 9.63
CA ASP B 79 4.88 -5.92 9.44
C ASP B 79 3.87 -5.25 10.38
N ILE B 80 4.07 -3.97 10.67
CA ILE B 80 3.13 -3.19 11.50
C ILE B 80 2.19 -2.40 10.63
N THR B 81 0.89 -2.47 10.97
CA THR B 81 -0.12 -1.64 10.35
C THR B 81 -0.31 -0.36 11.18
N THR B 82 -0.04 0.78 10.54
CA THR B 82 0.01 2.08 11.26
C THR B 82 -1.10 3.02 10.82
N SER B 83 -1.36 4.05 11.62
CA SER B 83 -2.08 5.24 11.13
C SER B 83 -1.05 6.18 10.51
N LEU B 84 -1.42 6.83 9.40
CA LEU B 84 -0.49 7.66 8.67
C LEU B 84 -1.21 8.87 8.09
N TYR B 85 -0.52 10.01 8.10
CA TYR B 85 -1.08 11.29 7.67
C TYR B 85 0.03 11.96 6.84
N ILE B 86 -0.27 12.30 5.60
CA ILE B 86 0.68 12.99 4.71
C ILE B 86 0.28 14.46 4.56
N GLU B 87 1.25 15.29 4.19
CA GLU B 87 1.04 16.73 4.08
C GLU B 87 -0.14 17.12 3.19
N GLU B 88 -0.28 16.43 2.05
CA GLU B 88 -1.33 16.75 1.08
C GLU B 88 -2.73 16.59 1.64
N MSE B 89 -2.87 15.83 2.72
CA MSE B 89 -4.19 15.65 3.34
C MSE B 89 -4.73 16.92 4.03
O MSE B 89 -5.93 17.01 4.32
CB MSE B 89 -4.20 14.41 4.24
CG MSE B 89 -3.97 13.15 3.45
SE MSE B 89 -3.67 11.55 4.56
CE MSE B 89 -2.47 10.76 3.60
N PHE B 90 -3.87 17.92 4.24
CA PHE B 90 -4.33 19.23 4.73
C PHE B 90 -5.12 20.02 3.68
N ALA B 91 -5.08 19.56 2.43
CA ALA B 91 -5.73 20.27 1.32
C ALA B 91 -7.24 20.02 1.20
N THR B 92 -7.72 18.91 1.77
CA THR B 92 -9.18 18.70 1.83
C THR B 92 -9.63 18.19 3.19
N GLY B 93 -10.93 18.31 3.45
CA GLY B 93 -11.51 17.73 4.63
C GLY B 93 -12.39 16.53 4.29
N HIS B 94 -12.16 15.90 3.13
CA HIS B 94 -13.03 14.77 2.70
C HIS B 94 -12.25 13.47 2.70
N ASP B 95 -12.79 12.48 3.38
CA ASP B 95 -12.17 11.18 3.48
C ASP B 95 -11.89 10.57 2.10
N ALA B 96 -12.88 10.56 1.20
CA ALA B 96 -12.63 10.06 -0.17
C ALA B 96 -11.45 10.71 -0.88
N ALA B 97 -11.39 12.05 -0.79
CA ALA B 97 -10.35 12.83 -1.46
C ALA B 97 -8.99 12.59 -0.83
N ASN B 98 -8.97 12.50 0.49
CA ASN B 98 -7.72 12.30 1.20
C ASN B 98 -7.14 10.91 0.99
N ARG B 99 -8.00 9.90 1.00
CA ARG B 99 -7.60 8.52 0.65
C ARG B 99 -7.12 8.45 -0.80
N GLN B 100 -7.77 9.21 -1.68
CA GLN B 100 -7.30 9.31 -3.08
C GLN B 100 -5.90 9.90 -3.20
N VAL B 101 -5.66 11.04 -2.56
CA VAL B 101 -4.35 11.69 -2.65
C VAL B 101 -3.26 10.83 -1.98
N PHE B 102 -3.62 10.21 -0.85
CA PHE B 102 -2.74 9.27 -0.16
C PHE B 102 -2.22 8.19 -1.12
N SER B 103 -3.11 7.68 -1.98
CA SER B 103 -2.74 6.65 -2.95
C SER B 103 -1.74 7.12 -4.03
N HIS B 104 -1.48 8.43 -4.11
CA HIS B 104 -0.59 9.00 -5.12
C HIS B 104 0.86 8.98 -4.68
N PHE B 105 1.12 8.46 -3.48
CA PHE B 105 2.48 8.43 -2.94
C PHE B 105 2.86 7.06 -2.38
N SER B 106 4.17 6.84 -2.30
CA SER B 106 4.77 5.64 -1.74
C SER B 106 5.67 6.08 -0.61
N PRO B 107 6.13 5.14 0.25
CA PRO B 107 7.02 5.52 1.36
C PRO B 107 8.29 6.28 0.93
N ASP B 108 8.75 6.08 -0.30
CA ASP B 108 9.90 6.84 -0.81
C ASP B 108 9.60 8.28 -1.19
N THR B 109 8.36 8.57 -1.55
CA THR B 109 7.99 9.87 -2.10
C THR B 109 7.01 10.66 -1.23
N ALA B 110 6.43 9.99 -0.22
CA ALA B 110 5.42 10.65 0.64
C ALA B 110 6.04 11.75 1.51
N LYS B 111 5.26 12.79 1.82
CA LYS B 111 5.66 13.74 2.85
C LYS B 111 4.83 13.45 4.09
N VAL B 112 5.25 12.45 4.88
CA VAL B 112 4.54 12.10 6.10
C VAL B 112 4.63 13.24 7.11
N VAL B 113 3.49 13.64 7.65
CA VAL B 113 3.48 14.62 8.74
C VAL B 113 3.19 14.01 10.12
N GLY B 114 2.70 12.78 10.13
CA GLY B 114 2.48 12.06 11.39
C GLY B 114 2.21 10.59 11.17
N MSE B 115 2.55 9.80 12.19
CA MSE B 115 2.29 8.37 12.22
C MSE B 115 2.01 7.93 13.66
O MSE B 115 2.58 8.48 14.60
CB MSE B 115 3.47 7.58 11.65
CG MSE B 115 3.29 6.06 11.63
SE MSE B 115 4.86 5.12 10.86
CE MSE B 115 6.19 6.59 11.22
N ALA B 116 1.11 6.98 13.83
CA ALA B 116 0.92 6.36 15.12
C ALA B 116 0.95 4.85 14.95
N LEU B 117 1.47 4.18 15.96
CA LEU B 117 1.44 2.72 15.98
C LEU B 117 1.22 2.19 17.39
N ARG B 118 0.70 0.97 17.45
CA ARG B 118 0.61 0.20 18.68
C ARG B 118 1.20 -1.16 18.36
N ALA B 119 2.30 -1.50 19.02
CA ALA B 119 2.97 -2.78 18.77
C ALA B 119 3.78 -3.25 19.98
N ASP B 120 4.17 -4.52 19.98
CA ASP B 120 5.00 -5.05 21.07
C ASP B 120 6.10 -4.07 21.41
N ARG B 121 6.20 -3.73 22.70
CA ARG B 121 7.01 -2.59 23.16
C ARG B 121 8.43 -2.47 22.58
N LYS B 122 9.16 -3.58 22.53
CA LYS B 122 10.57 -3.57 22.03
C LYS B 122 10.64 -3.20 20.54
N ILE B 123 9.68 -3.72 19.77
CA ILE B 123 9.54 -3.42 18.35
C ILE B 123 9.33 -1.91 18.12
N VAL B 124 8.42 -1.31 18.88
CA VAL B 124 8.17 0.14 18.81
C VAL B 124 9.43 0.98 19.04
N ASP B 125 10.22 0.60 20.05
CA ASP B 125 11.50 1.27 20.31
C ASP B 125 12.46 1.22 19.12
N LYS B 126 12.55 0.06 18.48
CA LYS B 126 13.35 -0.10 17.25
C LYS B 126 12.81 0.77 16.11
N ILE B 127 11.48 0.77 15.95
CA ILE B 127 10.84 1.50 14.87
C ILE B 127 11.06 3.00 15.02
N THR B 128 10.90 3.50 16.24
CA THR B 128 10.91 4.96 16.50
C THR B 128 12.29 5.54 16.79
N LYS B 129 13.34 4.71 16.74
CA LYS B 129 14.70 5.20 17.04
C LYS B 129 15.03 6.42 16.19
N GLY B 130 15.47 7.49 16.83
CA GLY B 130 15.75 8.72 16.12
C GLY B 130 14.84 9.86 16.52
N ALA B 131 13.59 9.54 16.83
CA ALA B 131 12.60 10.54 17.25
C ALA B 131 12.88 11.04 18.66
N LYS B 132 12.50 12.29 18.96
CA LYS B 132 12.60 12.86 20.31
C LYS B 132 11.21 12.94 20.94
N LEU B 133 11.10 12.66 22.23
CA LEU B 133 9.87 12.94 22.95
C LEU B 133 9.49 14.41 22.85
N HIS B 134 8.20 14.67 22.67
CA HIS B 134 7.74 16.02 22.41
C HIS B 134 7.79 16.88 23.65
N ALA B 135 8.23 18.13 23.46
CA ALA B 135 8.39 19.11 24.53
C ALA B 135 7.10 19.84 24.92
P PO4 C . 12.67 -7.17 -2.93
O1 PO4 C . 12.29 -8.58 -2.52
O2 PO4 C . 13.01 -6.37 -1.70
O3 PO4 C . 11.51 -6.51 -3.63
O4 PO4 C . 13.88 -7.21 -3.83
P PO4 D . -1.10 -5.84 25.33
O1 PO4 D . -0.82 -6.84 24.22
O2 PO4 D . -2.59 -5.62 25.45
O3 PO4 D . -0.54 -6.39 26.62
O4 PO4 D . -0.42 -4.53 25.02
#